data_1CTM
#
_entry.id   1CTM
#
_cell.length_a   79.200
_cell.length_b   81.900
_cell.length_c   46.300
_cell.angle_alpha   90.00
_cell.angle_beta   90.00
_cell.angle_gamma   90.00
#
_symmetry.space_group_name_H-M   'P 21 21 21'
#
loop_
_entity.id
_entity.type
_entity.pdbx_description
1 polymer 'CYTOCHROME F'
2 non-polymer 'HEME C'
3 water water
#
_entity_poly.entity_id   1
_entity_poly.type   'polypeptide(L)'
_entity_poly.pdbx_seq_one_letter_code
;YPIFAQQNYENPREATGRIVCANCHLASKPVDIEVPQAVLPDTVFEAVVKIPYDMQLKQVLANGKKGALNVGAVLILPEG
FELAPPDRISPEMKEKIGNLSFQNYRPNKKNILVIGPVPGQKYSEITFPILAPDPATNKDVHFLKYPIYVGGNRGRGQIY
PDGSKSNNTVYNATAGGIISKILRKEKGGYEITIVDASNERQVIDIIPRGLELLVSEGESIKLDQPLTSNPNVGGFGQGD
AEIVLQDPLR
;
_entity_poly.pdbx_strand_id   A
#
loop_
_chem_comp.id
_chem_comp.type
_chem_comp.name
_chem_comp.formula
HEC non-polymer 'HEME C' 'C34 H34 Fe N4 O4'
#
# COMPACT_ATOMS: atom_id res chain seq x y z
N TYR A 1 -1.57 -6.30 -1.09
CA TYR A 1 -1.73 -6.24 -2.54
C TYR A 1 -3.05 -5.55 -2.81
N PRO A 2 -3.25 -4.80 -3.92
CA PRO A 2 -4.56 -4.26 -4.28
C PRO A 2 -5.64 -5.32 -4.24
N ILE A 3 -5.36 -6.57 -4.60
CA ILE A 3 -6.37 -7.64 -4.57
C ILE A 3 -6.86 -7.98 -3.16
N PHE A 4 -6.05 -7.86 -2.10
CA PHE A 4 -6.51 -8.20 -0.76
C PHE A 4 -7.53 -7.18 -0.30
N ALA A 5 -7.44 -5.91 -0.70
CA ALA A 5 -8.45 -4.95 -0.27
C ALA A 5 -9.72 -5.16 -1.09
N GLN A 6 -9.57 -5.39 -2.39
CA GLN A 6 -10.72 -5.63 -3.25
C GLN A 6 -11.48 -6.86 -2.80
N GLN A 7 -10.80 -7.98 -2.54
CA GLN A 7 -11.43 -9.22 -2.09
C GLN A 7 -12.19 -9.02 -0.80
N ASN A 8 -11.84 -8.11 0.10
CA ASN A 8 -12.65 -8.04 1.31
C ASN A 8 -12.90 -6.70 1.96
N TYR A 9 -12.96 -5.64 1.19
CA TYR A 9 -13.47 -4.39 1.72
C TYR A 9 -14.29 -3.97 0.50
N GLU A 10 -15.57 -3.67 0.66
CA GLU A 10 -16.41 -3.36 -0.50
C GLU A 10 -16.11 -1.97 -1.10
N ASN A 11 -15.79 -1.03 -0.20
CA ASN A 11 -15.45 0.33 -0.56
C ASN A 11 -14.09 0.61 0.10
N PRO A 12 -13.08 1.20 -0.57
CA PRO A 12 -11.72 1.30 -0.06
C PRO A 12 -11.43 2.40 0.95
N ARG A 13 -12.33 3.36 1.07
CA ARG A 13 -12.16 4.45 2.00
C ARG A 13 -13.11 4.19 3.15
N GLU A 14 -12.55 4.20 4.35
CA GLU A 14 -13.32 4.02 5.55
C GLU A 14 -13.86 5.36 6.04
N ALA A 15 -14.81 5.34 7.00
CA ALA A 15 -15.44 6.54 7.54
C ALA A 15 -14.49 7.55 8.19
N THR A 16 -13.32 7.10 8.66
CA THR A 16 -12.29 7.99 9.19
C THR A 16 -11.56 8.74 8.09
N GLY A 17 -11.72 8.26 6.86
CA GLY A 17 -11.03 8.79 5.73
C GLY A 17 -9.78 7.97 5.49
N ARG A 18 -9.53 6.85 6.16
CA ARG A 18 -8.32 6.11 5.88
C ARG A 18 -8.62 5.06 4.84
N ILE A 19 -7.66 4.82 3.97
CA ILE A 19 -7.86 3.88 2.90
C ILE A 19 -7.42 2.56 3.46
N VAL A 20 -8.14 1.52 3.15
CA VAL A 20 -7.94 0.21 3.76
C VAL A 20 -6.60 -0.47 3.63
N CYS A 21 -5.67 0.01 2.79
CA CYS A 21 -4.33 -0.57 2.67
C CYS A 21 -3.59 -0.30 3.96
N ALA A 22 -3.90 0.78 4.67
CA ALA A 22 -3.29 1.08 5.96
C ALA A 22 -3.58 0.08 7.07
N ASN A 23 -4.46 -0.90 6.83
CA ASN A 23 -4.74 -1.94 7.82
C ASN A 23 -3.64 -3.00 7.87
N CYS A 24 -2.95 -3.20 6.75
CA CYS A 24 -1.88 -4.15 6.73
C CYS A 24 -0.58 -3.48 6.36
N HIS A 25 -0.60 -2.36 5.64
CA HIS A 25 0.57 -1.57 5.26
C HIS A 25 0.70 -0.44 6.28
N LEU A 26 1.48 -0.81 7.30
CA LEU A 26 1.59 -0.06 8.54
C LEU A 26 2.53 1.13 8.67
N ALA A 27 3.55 1.31 7.83
CA ALA A 27 4.41 2.46 7.95
C ALA A 27 3.82 3.53 7.07
N SER A 28 3.92 4.79 7.50
CA SER A 28 3.40 5.92 6.75
C SER A 28 4.50 6.47 5.85
N LYS A 29 4.28 6.77 4.56
CA LYS A 29 5.31 7.35 3.71
C LYS A 29 4.64 8.13 2.57
N PRO A 30 5.11 9.34 2.18
CA PRO A 30 4.37 10.36 1.48
C PRO A 30 3.92 9.97 0.10
N VAL A 31 2.73 10.38 -0.33
CA VAL A 31 2.20 10.11 -1.67
C VAL A 31 1.79 11.48 -2.18
N ASP A 32 1.89 11.66 -3.50
CA ASP A 32 1.58 12.93 -4.12
C ASP A 32 0.69 12.75 -5.33
N ILE A 33 -0.14 13.71 -5.68
CA ILE A 33 -0.99 13.58 -6.85
C ILE A 33 -1.14 14.93 -7.55
N GLU A 34 -0.73 15.04 -8.81
CA GLU A 34 -1.04 16.23 -9.60
C GLU A 34 -2.18 15.87 -10.55
N VAL A 35 -3.13 16.79 -10.61
CA VAL A 35 -4.36 16.67 -11.40
C VAL A 35 -4.57 18.06 -12.00
N PRO A 36 -5.06 18.30 -13.23
CA PRO A 36 -5.36 19.64 -13.73
C PRO A 36 -6.35 20.35 -12.83
N GLN A 37 -6.26 21.67 -12.72
CA GLN A 37 -7.16 22.48 -11.90
C GLN A 37 -8.63 22.31 -12.29
N ALA A 38 -8.89 22.23 -13.58
CA ALA A 38 -10.23 22.16 -14.15
C ALA A 38 -10.19 21.37 -15.45
N VAL A 39 -11.27 20.70 -15.83
CA VAL A 39 -11.34 19.91 -17.06
C VAL A 39 -12.70 20.13 -17.69
N LEU A 40 -12.81 19.87 -18.99
CA LEU A 40 -14.04 20.08 -19.72
C LEU A 40 -14.82 18.78 -19.79
N PRO A 41 -16.14 18.76 -19.95
CA PRO A 41 -16.90 17.56 -20.28
C PRO A 41 -16.29 16.67 -21.37
N ASP A 42 -16.41 15.36 -21.21
CA ASP A 42 -15.91 14.33 -22.13
C ASP A 42 -14.51 14.61 -22.70
N THR A 43 -13.51 14.95 -21.87
CA THR A 43 -12.12 15.09 -22.31
C THR A 43 -11.30 14.18 -21.42
N VAL A 44 -10.20 13.68 -21.95
CA VAL A 44 -9.31 12.84 -21.20
C VAL A 44 -8.31 13.75 -20.49
N PHE A 45 -7.93 13.41 -19.27
CA PHE A 45 -6.92 14.15 -18.55
C PHE A 45 -6.10 13.10 -17.82
N GLU A 46 -4.96 13.47 -17.29
CA GLU A 46 -4.15 12.51 -16.58
C GLU A 46 -4.10 12.88 -15.11
N ALA A 47 -4.07 11.85 -14.25
CA ALA A 47 -3.91 12.06 -12.82
C ALA A 47 -2.59 11.36 -12.60
N VAL A 48 -1.59 12.07 -12.10
CA VAL A 48 -0.29 11.46 -11.90
C VAL A 48 -0.04 11.45 -10.40
N VAL A 49 0.21 10.21 -9.98
CA VAL A 49 0.38 9.79 -8.58
C VAL A 49 1.87 9.54 -8.35
N LYS A 50 2.49 10.08 -7.32
CA LYS A 50 3.90 9.85 -7.04
C LYS A 50 4.00 9.12 -5.73
N ILE A 51 4.73 8.03 -5.75
CA ILE A 51 4.91 7.19 -4.60
C ILE A 51 6.43 7.13 -4.42
N PRO A 52 7.07 8.18 -3.87
CA PRO A 52 8.51 8.27 -3.80
C PRO A 52 9.18 7.55 -2.64
N TYR A 53 10.37 6.98 -2.91
CA TYR A 53 11.19 6.35 -1.91
C TYR A 53 12.63 6.32 -2.41
N ASP A 54 13.57 6.23 -1.45
CA ASP A 54 15.00 6.09 -1.72
C ASP A 54 15.21 4.74 -2.36
N MET A 55 15.72 4.79 -3.56
CA MET A 55 15.85 3.59 -4.32
C MET A 55 17.03 2.70 -4.09
N GLN A 56 17.86 3.01 -3.09
CA GLN A 56 18.91 2.07 -2.76
C GLN A 56 18.41 1.13 -1.66
N LEU A 57 17.16 1.30 -1.23
CA LEU A 57 16.56 0.47 -0.23
C LEU A 57 16.18 -0.92 -0.71
N LYS A 58 16.53 -1.87 0.14
CA LYS A 58 16.22 -3.26 -0.07
C LYS A 58 15.42 -3.79 1.10
N GLN A 59 14.31 -4.40 0.73
CA GLN A 59 13.39 -4.94 1.70
C GLN A 59 13.61 -6.44 1.86
N VAL A 60 12.95 -7.05 2.86
CA VAL A 60 13.06 -8.48 3.06
C VAL A 60 11.92 -9.09 2.27
N LEU A 61 12.32 -9.84 1.27
CA LEU A 61 11.40 -10.57 0.43
C LEU A 61 10.86 -11.75 1.20
N ALA A 62 9.77 -12.33 0.70
CA ALA A 62 9.05 -13.40 1.39
C ALA A 62 9.83 -14.65 1.83
N ASN A 63 11.07 -14.82 1.38
CA ASN A 63 11.90 -16.00 1.59
C ASN A 63 13.18 -15.61 2.30
N GLY A 64 13.25 -14.46 2.96
CA GLY A 64 14.44 -14.08 3.69
C GLY A 64 15.43 -13.29 2.87
N LYS A 65 15.53 -13.47 1.56
CA LYS A 65 16.47 -12.67 0.77
C LYS A 65 16.05 -11.20 0.71
N LYS A 66 16.95 -10.30 0.37
CA LYS A 66 16.62 -8.89 0.29
C LYS A 66 16.42 -8.47 -1.16
N GLY A 67 15.46 -7.61 -1.49
CA GLY A 67 15.25 -7.19 -2.87
C GLY A 67 14.57 -5.83 -2.99
N ALA A 68 14.23 -5.48 -4.23
CA ALA A 68 13.60 -4.20 -4.51
C ALA A 68 12.11 -4.13 -4.18
N LEU A 69 11.60 -2.93 -4.12
CA LEU A 69 10.21 -2.71 -3.80
C LEU A 69 9.30 -2.62 -5.03
N ASN A 70 8.03 -2.91 -4.79
CA ASN A 70 6.97 -2.80 -5.76
C ASN A 70 5.98 -1.83 -5.20
N VAL A 71 5.29 -1.21 -6.13
CA VAL A 71 4.40 -0.09 -5.90
C VAL A 71 3.01 -0.49 -6.36
N GLY A 72 1.99 0.09 -5.79
CA GLY A 72 0.60 -0.12 -6.18
C GLY A 72 -0.17 1.10 -5.70
N ALA A 73 -1.37 1.36 -6.22
CA ALA A 73 -2.19 2.48 -5.81
C ALA A 73 -3.65 2.20 -6.06
N VAL A 74 -4.50 2.99 -5.37
CA VAL A 74 -5.96 2.95 -5.51
C VAL A 74 -6.39 4.41 -5.68
N LEU A 75 -7.07 4.73 -6.78
CA LEU A 75 -7.53 6.07 -7.08
C LEU A 75 -9.05 6.04 -6.99
N ILE A 76 -9.60 6.93 -6.15
CA ILE A 76 -11.01 7.06 -5.88
C ILE A 76 -11.48 8.37 -6.52
N LEU A 77 -12.21 8.20 -7.61
CA LEU A 77 -12.74 9.30 -8.41
C LEU A 77 -14.20 9.57 -8.05
N PRO A 78 -14.80 10.73 -8.40
CA PRO A 78 -16.24 10.94 -8.29
C PRO A 78 -17.00 9.98 -9.18
N GLU A 79 -18.27 9.73 -8.88
CA GLU A 79 -19.08 8.91 -9.78
C GLU A 79 -19.27 9.66 -11.10
N GLY A 80 -19.14 8.90 -12.18
CA GLY A 80 -19.20 9.43 -13.55
C GLY A 80 -17.84 9.42 -14.21
N PHE A 81 -16.77 9.69 -13.44
CA PHE A 81 -15.42 9.63 -13.99
C PHE A 81 -15.01 8.18 -14.10
N GLU A 82 -14.30 7.80 -15.16
CA GLU A 82 -13.86 6.43 -15.33
C GLU A 82 -12.61 6.37 -16.16
N LEU A 83 -11.96 5.20 -16.21
CA LEU A 83 -10.77 5.00 -17.05
C LEU A 83 -11.04 5.30 -18.56
N ALA A 84 -10.20 6.18 -19.11
CA ALA A 84 -10.30 6.57 -20.51
C ALA A 84 -10.13 5.37 -21.44
N PRO A 85 -11.02 5.21 -22.43
CA PRO A 85 -10.97 4.11 -23.36
C PRO A 85 -9.75 4.17 -24.26
N PRO A 86 -9.21 3.06 -24.78
CA PRO A 86 -8.02 3.05 -25.61
C PRO A 86 -8.04 4.03 -26.79
N ASP A 87 -9.17 4.12 -27.51
CA ASP A 87 -9.29 5.00 -28.67
C ASP A 87 -9.18 6.46 -28.31
N ARG A 88 -9.49 6.81 -27.06
CA ARG A 88 -9.38 8.21 -26.68
C ARG A 88 -7.99 8.49 -26.11
N ILE A 89 -7.12 7.51 -25.96
CA ILE A 89 -5.80 7.78 -25.41
C ILE A 89 -4.82 8.07 -26.54
N SER A 90 -4.23 9.26 -26.34
CA SER A 90 -3.24 9.83 -27.23
C SER A 90 -1.99 8.94 -27.31
N PRO A 91 -1.23 8.97 -28.40
CA PRO A 91 0.05 8.24 -28.49
C PRO A 91 1.12 8.78 -27.53
N GLU A 92 1.18 10.10 -27.37
CA GLU A 92 2.08 10.78 -26.45
C GLU A 92 1.76 10.38 -25.00
N MET A 93 0.55 9.86 -24.77
CA MET A 93 0.08 9.47 -23.46
C MET A 93 0.26 7.97 -23.25
N LYS A 94 0.11 7.22 -24.33
CA LYS A 94 0.20 5.78 -24.32
C LYS A 94 1.64 5.36 -24.03
N GLU A 95 2.70 6.13 -24.38
CA GLU A 95 4.04 5.75 -23.96
C GLU A 95 4.24 6.13 -22.51
N LYS A 96 3.65 7.24 -22.04
CA LYS A 96 3.65 7.60 -20.64
C LYS A 96 3.00 6.49 -19.81
N ILE A 97 1.85 5.89 -20.11
CA ILE A 97 1.31 4.90 -19.20
C ILE A 97 2.04 3.56 -19.30
N GLY A 98 3.19 3.46 -19.99
CA GLY A 98 3.94 2.22 -20.14
C GLY A 98 3.01 1.15 -20.71
N ASN A 99 2.69 0.13 -19.92
CA ASN A 99 1.80 -0.93 -20.34
C ASN A 99 1.10 -1.50 -19.09
N LEU A 100 0.63 -0.56 -18.29
CA LEU A 100 -0.05 -0.88 -17.05
C LEU A 100 -1.45 -1.40 -17.30
N SER A 101 -2.03 -2.25 -16.47
CA SER A 101 -3.43 -2.53 -16.63
C SER A 101 -4.06 -1.95 -15.38
N PHE A 102 -4.95 -0.99 -15.55
CA PHE A 102 -5.67 -0.42 -14.43
C PHE A 102 -6.89 -1.32 -14.30
N GLN A 103 -7.30 -1.77 -13.12
CA GLN A 103 -8.48 -2.58 -13.01
C GLN A 103 -9.44 -1.72 -12.21
N ASN A 104 -10.71 -2.05 -12.28
CA ASN A 104 -11.75 -1.42 -11.48
C ASN A 104 -11.66 -2.10 -10.14
N TYR A 105 -11.96 -1.40 -9.07
CA TYR A 105 -11.95 -1.99 -7.74
C TYR A 105 -12.91 -3.18 -7.62
N ARG A 106 -14.07 -3.05 -8.25
CA ARG A 106 -15.11 -4.08 -8.36
C ARG A 106 -15.87 -3.69 -9.63
N PRO A 107 -16.43 -4.58 -10.46
CA PRO A 107 -17.00 -4.26 -11.78
C PRO A 107 -18.02 -3.13 -11.83
N ASN A 108 -18.73 -2.95 -10.72
CA ASN A 108 -19.75 -1.91 -10.51
C ASN A 108 -19.15 -0.56 -10.08
N LYS A 109 -17.94 -0.54 -9.52
CA LYS A 109 -17.30 0.69 -9.14
C LYS A 109 -16.39 1.02 -10.31
N LYS A 110 -16.90 1.72 -11.31
CA LYS A 110 -16.07 2.15 -12.44
C LYS A 110 -15.19 3.35 -12.12
N ASN A 111 -15.47 3.99 -10.98
CA ASN A 111 -14.77 5.19 -10.51
C ASN A 111 -13.73 4.91 -9.46
N ILE A 112 -13.29 3.67 -9.25
CA ILE A 112 -12.22 3.42 -8.28
C ILE A 112 -11.38 2.47 -9.11
N LEU A 113 -10.11 2.86 -9.26
CA LEU A 113 -9.14 2.17 -10.10
C LEU A 113 -7.99 1.69 -9.24
N VAL A 114 -7.47 0.49 -9.49
CA VAL A 114 -6.34 -0.04 -8.75
C VAL A 114 -5.32 -0.46 -9.79
N ILE A 115 -4.05 -0.41 -9.40
CA ILE A 115 -2.97 -0.86 -10.23
C ILE A 115 -1.88 -1.36 -9.30
N GLY A 116 -1.13 -2.37 -9.73
CA GLY A 116 -0.08 -2.93 -8.91
C GLY A 116 -0.37 -4.35 -8.44
N PRO A 117 0.63 -5.10 -7.95
CA PRO A 117 2.02 -4.67 -7.85
C PRO A 117 2.79 -4.46 -9.16
N VAL A 118 3.47 -3.31 -9.32
CA VAL A 118 4.32 -3.04 -10.48
C VAL A 118 5.65 -2.59 -9.93
N PRO A 119 6.76 -2.88 -10.57
CA PRO A 119 8.07 -2.56 -10.07
C PRO A 119 8.32 -1.09 -9.83
N GLY A 120 8.81 -0.82 -8.62
CA GLY A 120 9.09 0.53 -8.14
C GLY A 120 10.13 1.28 -8.97
N GLN A 121 11.22 0.67 -9.48
CA GLN A 121 12.25 1.38 -10.27
C GLN A 121 11.64 2.07 -11.48
N LYS A 122 10.65 1.38 -12.06
CA LYS A 122 9.94 1.85 -13.23
C LYS A 122 8.75 2.74 -12.89
N TYR A 123 7.92 2.37 -11.92
CA TYR A 123 6.68 3.10 -11.77
C TYR A 123 6.48 3.87 -10.50
N SER A 124 7.48 4.60 -10.02
CA SER A 124 7.27 5.45 -8.86
C SER A 124 6.29 6.56 -9.20
N GLU A 125 6.13 7.01 -10.45
CA GLU A 125 5.01 7.91 -10.77
C GLU A 125 4.22 7.19 -11.84
N ILE A 126 2.92 7.20 -11.63
CA ILE A 126 2.00 6.48 -12.48
C ILE A 126 1.02 7.52 -13.05
N THR A 127 0.65 7.36 -14.31
CA THR A 127 -0.31 8.24 -14.94
C THR A 127 -1.58 7.45 -15.17
N PHE A 128 -2.68 7.88 -14.55
CA PHE A 128 -3.97 7.26 -14.78
C PHE A 128 -4.65 8.13 -15.83
N PRO A 129 -5.16 7.60 -16.95
CA PRO A 129 -5.89 8.34 -17.98
C PRO A 129 -7.37 8.38 -17.60
N ILE A 130 -7.92 9.51 -17.22
CA ILE A 130 -9.31 9.53 -16.75
C ILE A 130 -10.16 10.22 -17.82
N LEU A 131 -11.42 9.78 -18.04
CA LEU A 131 -12.33 10.51 -18.93
C LEU A 131 -13.28 11.31 -18.05
N ALA A 132 -13.36 12.62 -18.26
CA ALA A 132 -14.30 13.45 -17.52
C ALA A 132 -15.73 13.20 -18.05
N PRO A 133 -16.76 13.09 -17.22
CA PRO A 133 -18.14 12.93 -17.65
C PRO A 133 -18.70 14.18 -18.32
N ASP A 134 -19.95 14.04 -18.73
CA ASP A 134 -20.62 15.11 -19.41
C ASP A 134 -21.98 15.22 -18.74
N PRO A 135 -22.29 16.36 -18.10
CA PRO A 135 -23.56 16.66 -17.48
C PRO A 135 -24.74 16.51 -18.43
N ALA A 136 -24.61 16.99 -19.68
CA ALA A 136 -25.68 16.92 -20.67
C ALA A 136 -26.04 15.47 -20.98
N THR A 137 -25.17 14.54 -20.65
CA THR A 137 -25.42 13.13 -20.87
C THR A 137 -25.41 12.35 -19.54
N ASN A 138 -25.58 12.95 -18.37
CA ASN A 138 -25.59 12.21 -17.12
C ASN A 138 -26.22 13.14 -16.09
N LYS A 139 -27.44 12.86 -15.66
CA LYS A 139 -28.18 13.80 -14.83
C LYS A 139 -27.72 14.01 -13.37
N ASP A 140 -26.82 13.16 -12.89
CA ASP A 140 -26.28 13.29 -11.53
C ASP A 140 -24.87 13.88 -11.53
N VAL A 141 -24.31 14.17 -12.70
CA VAL A 141 -22.99 14.77 -12.75
C VAL A 141 -23.27 16.26 -12.98
N HIS A 142 -22.59 17.14 -12.24
CA HIS A 142 -22.79 18.56 -12.40
C HIS A 142 -21.45 19.25 -12.62
N PHE A 143 -21.48 20.52 -12.97
CA PHE A 143 -20.26 21.28 -13.09
C PHE A 143 -20.09 21.67 -11.65
N LEU A 144 -19.10 21.12 -10.96
CA LEU A 144 -18.87 21.38 -9.54
C LEU A 144 -17.40 21.10 -9.31
N LYS A 145 -16.95 21.35 -8.08
CA LYS A 145 -15.64 20.92 -7.62
C LYS A 145 -15.88 19.57 -6.95
N TYR A 146 -15.01 18.63 -7.36
CA TYR A 146 -15.04 17.22 -6.99
C TYR A 146 -13.81 16.78 -6.23
N PRO A 147 -13.91 15.99 -5.16
CA PRO A 147 -12.75 15.40 -4.49
C PRO A 147 -12.17 14.18 -5.21
N ILE A 148 -10.87 13.98 -5.12
CA ILE A 148 -10.17 12.84 -5.71
C ILE A 148 -9.28 12.34 -4.59
N TYR A 149 -9.28 11.03 -4.26
CA TYR A 149 -8.48 10.46 -3.18
C TYR A 149 -7.56 9.39 -3.73
N VAL A 150 -6.33 9.36 -3.26
CA VAL A 150 -5.39 8.37 -3.75
C VAL A 150 -4.73 7.70 -2.56
N GLY A 151 -4.40 6.43 -2.68
CA GLY A 151 -3.65 5.72 -1.69
C GLY A 151 -2.46 5.18 -2.45
N GLY A 152 -1.23 5.23 -1.96
CA GLY A 152 -0.06 4.72 -2.66
C GLY A 152 0.83 3.95 -1.71
N ASN A 153 1.26 2.78 -2.17
CA ASN A 153 2.06 1.92 -1.32
C ASN A 153 3.33 1.45 -2.01
N ARG A 154 4.46 1.37 -1.31
CA ARG A 154 5.67 0.76 -1.86
C ARG A 154 6.15 -0.18 -0.76
N GLY A 155 6.46 -1.45 -1.07
CA GLY A 155 6.97 -2.41 -0.09
C GLY A 155 5.96 -3.44 0.38
N ARG A 156 6.43 -4.55 0.93
CA ARG A 156 5.57 -5.63 1.39
C ARG A 156 4.89 -5.28 2.71
N GLY A 157 3.63 -5.61 2.85
CA GLY A 157 2.90 -5.35 4.09
C GLY A 157 3.25 -6.29 5.23
N GLN A 158 2.68 -5.92 6.35
CA GLN A 158 3.01 -6.55 7.61
C GLN A 158 2.02 -7.65 8.02
N ILE A 159 0.74 -7.53 7.70
CA ILE A 159 -0.27 -8.47 8.15
C ILE A 159 -0.93 -8.99 6.87
N TYR A 160 -1.24 -10.28 6.85
CA TYR A 160 -1.95 -10.96 5.77
C TYR A 160 -3.46 -10.97 5.98
N PRO A 161 -4.32 -11.27 5.00
CA PRO A 161 -5.76 -11.33 5.22
C PRO A 161 -6.30 -12.22 6.35
N ASP A 162 -5.55 -13.19 6.85
CA ASP A 162 -6.04 -13.96 7.98
C ASP A 162 -5.56 -13.42 9.32
N GLY A 163 -4.77 -12.33 9.37
CA GLY A 163 -4.32 -11.80 10.65
C GLY A 163 -2.90 -12.24 10.96
N SER A 164 -2.31 -13.17 10.22
CA SER A 164 -0.91 -13.52 10.33
C SER A 164 0.04 -12.39 10.00
N LYS A 165 1.11 -12.29 10.77
CA LYS A 165 2.16 -11.35 10.48
C LYS A 165 2.97 -11.94 9.36
N SER A 166 3.65 -11.11 8.59
CA SER A 166 4.57 -11.60 7.58
C SER A 166 5.97 -11.47 8.21
N ASN A 167 7.07 -11.83 7.55
CA ASN A 167 8.39 -11.59 8.11
C ASN A 167 8.85 -10.18 7.79
N ASN A 168 7.97 -9.21 7.51
CA ASN A 168 8.45 -7.87 7.25
C ASN A 168 7.88 -6.94 8.30
N THR A 169 8.05 -7.37 9.54
CA THR A 169 7.58 -6.64 10.71
C THR A 169 8.43 -7.07 11.90
N VAL A 170 8.26 -6.34 13.01
CA VAL A 170 8.95 -6.61 14.25
C VAL A 170 8.38 -7.89 14.85
N TYR A 171 9.21 -8.74 15.44
CA TYR A 171 8.71 -9.83 16.25
C TYR A 171 8.92 -9.51 17.72
N ASN A 172 7.83 -9.58 18.48
CA ASN A 172 7.76 -9.22 19.90
C ASN A 172 7.66 -10.44 20.80
N ALA A 173 8.26 -10.36 21.99
CA ALA A 173 8.29 -11.48 22.93
C ALA A 173 6.90 -11.74 23.42
N THR A 174 6.46 -13.00 23.39
CA THR A 174 5.12 -13.28 23.86
C THR A 174 5.14 -13.41 25.38
N ALA A 175 6.28 -13.39 26.07
CA ALA A 175 6.31 -13.49 27.53
C ALA A 175 7.47 -12.66 28.07
N GLY A 176 7.38 -12.17 29.30
CA GLY A 176 8.50 -11.49 29.90
C GLY A 176 9.39 -12.57 30.47
N GLY A 177 10.60 -12.32 30.94
CA GLY A 177 11.42 -13.38 31.48
C GLY A 177 12.86 -13.13 31.15
N ILE A 178 13.64 -14.19 31.17
CA ILE A 178 15.04 -14.14 30.85
C ILE A 178 15.17 -15.15 29.72
N ILE A 179 15.93 -14.82 28.69
CA ILE A 179 16.13 -15.74 27.58
C ILE A 179 17.09 -16.80 28.08
N SER A 180 16.67 -18.05 28.15
CA SER A 180 17.60 -19.08 28.54
C SER A 180 18.30 -19.70 27.33
N LYS A 181 17.84 -19.60 26.08
CA LYS A 181 18.53 -20.25 24.95
C LYS A 181 18.11 -19.58 23.66
N ILE A 182 19.00 -19.46 22.66
CA ILE A 182 18.66 -18.95 21.33
C ILE A 182 19.21 -19.95 20.32
N LEU A 183 18.36 -20.77 19.72
CA LEU A 183 18.79 -21.76 18.76
C LEU A 183 18.75 -21.16 17.36
N ARG A 184 19.92 -20.92 16.77
CA ARG A 184 20.01 -20.36 15.44
C ARG A 184 19.73 -21.51 14.50
N LYS A 185 18.72 -21.39 13.67
CA LYS A 185 18.34 -22.49 12.80
C LYS A 185 19.17 -22.67 11.55
N GLU A 186 19.22 -23.95 11.12
CA GLU A 186 20.02 -24.44 9.99
C GLU A 186 19.82 -23.57 8.76
N LYS A 187 18.60 -23.50 8.29
CA LYS A 187 18.33 -22.76 7.08
C LYS A 187 17.92 -21.29 7.31
N GLY A 188 18.20 -20.75 8.51
CA GLY A 188 17.84 -19.39 8.85
C GLY A 188 16.69 -19.35 9.86
N GLY A 189 16.61 -18.29 10.63
CA GLY A 189 15.54 -18.16 11.60
C GLY A 189 16.04 -18.55 12.99
N TYR A 190 15.23 -18.35 14.03
CA TYR A 190 15.65 -18.62 15.38
C TYR A 190 14.49 -19.17 16.19
N GLU A 191 14.89 -19.77 17.29
CA GLU A 191 13.98 -20.37 18.23
C GLU A 191 14.50 -19.78 19.53
N ILE A 192 13.71 -18.95 20.21
CA ILE A 192 14.11 -18.29 21.44
C ILE A 192 13.32 -18.84 22.62
N THR A 193 14.01 -19.41 23.62
CA THR A 193 13.35 -19.90 24.84
C THR A 193 13.37 -18.86 25.94
N ILE A 194 12.19 -18.49 26.46
CA ILE A 194 12.04 -17.50 27.54
C ILE A 194 11.56 -18.26 28.77
N VAL A 195 12.24 -18.07 29.90
CA VAL A 195 11.75 -18.65 31.13
C VAL A 195 11.13 -17.46 31.82
N ASP A 196 9.82 -17.50 31.93
CA ASP A 196 9.07 -16.47 32.61
C ASP A 196 9.16 -16.97 34.03
N ALA A 197 10.14 -16.41 34.76
CA ALA A 197 10.40 -16.84 36.11
C ALA A 197 9.22 -16.46 36.99
N SER A 198 8.58 -15.35 36.67
CA SER A 198 7.41 -14.89 37.42
C SER A 198 6.21 -15.82 37.30
N ASN A 199 5.98 -16.46 36.17
CA ASN A 199 4.83 -17.36 36.07
C ASN A 199 5.25 -18.80 36.11
N GLU A 200 6.55 -19.09 36.32
CA GLU A 200 7.12 -20.43 36.23
C GLU A 200 6.63 -21.07 34.95
N ARG A 201 6.88 -20.42 33.84
CA ARG A 201 6.38 -20.88 32.56
C ARG A 201 7.50 -20.76 31.56
N GLN A 202 7.64 -21.72 30.67
CA GLN A 202 8.64 -21.64 29.63
C GLN A 202 7.94 -21.36 28.28
N VAL A 203 8.34 -20.41 27.42
CA VAL A 203 7.68 -20.23 26.14
C VAL A 203 8.75 -20.20 25.04
N ILE A 204 8.47 -20.61 23.81
CA ILE A 204 9.45 -20.54 22.75
C ILE A 204 8.89 -19.69 21.63
N ASP A 205 9.49 -18.53 21.42
CA ASP A 205 9.13 -17.65 20.31
C ASP A 205 10.01 -17.95 19.12
N ILE A 206 9.36 -18.16 17.98
CA ILE A 206 10.05 -18.50 16.74
C ILE A 206 10.11 -17.26 15.85
N ILE A 207 11.33 -17.04 15.37
CA ILE A 207 11.61 -15.90 14.52
C ILE A 207 12.02 -16.32 13.10
N PRO A 208 11.39 -15.76 12.06
CA PRO A 208 11.66 -16.11 10.70
C PRO A 208 12.95 -15.54 10.15
N ARG A 209 13.40 -16.10 9.03
CA ARG A 209 14.63 -15.63 8.36
C ARG A 209 14.45 -14.28 7.69
N GLY A 210 15.55 -13.53 7.62
CA GLY A 210 15.60 -12.18 7.05
C GLY A 210 15.65 -11.13 8.16
N LEU A 211 15.51 -11.60 9.39
CA LEU A 211 15.44 -10.76 10.57
C LEU A 211 16.60 -11.03 11.50
N GLU A 212 17.11 -9.96 12.06
CA GLU A 212 18.18 -10.09 12.99
C GLU A 212 17.72 -9.63 14.36
N LEU A 213 18.18 -10.47 15.27
CA LEU A 213 17.86 -10.39 16.69
C LEU A 213 18.45 -9.21 17.39
N LEU A 214 17.74 -8.64 18.33
CA LEU A 214 18.30 -7.58 19.15
C LEU A 214 18.65 -8.13 20.53
N VAL A 215 18.49 -9.44 20.79
CA VAL A 215 18.66 -9.96 22.14
C VAL A 215 19.71 -11.05 22.28
N SER A 216 20.23 -11.18 23.50
CA SER A 216 21.29 -12.11 23.84
C SER A 216 20.81 -13.09 24.88
N GLU A 217 21.38 -14.31 24.92
CA GLU A 217 21.05 -15.27 25.98
C GLU A 217 21.33 -14.63 27.32
N GLY A 218 20.55 -14.89 28.34
CA GLY A 218 20.79 -14.29 29.64
C GLY A 218 20.15 -12.94 29.77
N GLU A 219 19.56 -12.36 28.73
CA GLU A 219 18.93 -11.04 28.88
C GLU A 219 17.51 -11.08 29.38
N SER A 220 17.13 -10.10 30.17
CA SER A 220 15.76 -10.02 30.64
C SER A 220 14.93 -9.27 29.61
N ILE A 221 13.84 -9.87 29.17
CA ILE A 221 12.97 -9.32 28.17
C ILE A 221 11.63 -9.06 28.86
N LYS A 222 10.89 -8.02 28.48
CA LYS A 222 9.55 -7.73 29.01
C LYS A 222 8.52 -8.29 28.04
N LEU A 223 7.26 -8.50 28.40
CA LEU A 223 6.23 -8.89 27.43
C LEU A 223 6.12 -7.82 26.32
N ASP A 224 5.97 -8.26 25.06
CA ASP A 224 5.95 -7.41 23.87
C ASP A 224 7.21 -6.59 23.60
N GLN A 225 8.32 -6.96 24.22
CA GLN A 225 9.54 -6.26 23.97
C GLN A 225 9.96 -6.75 22.58
N PRO A 226 10.29 -5.87 21.64
CA PRO A 226 10.86 -6.22 20.36
C PRO A 226 12.07 -7.14 20.51
N LEU A 227 12.01 -8.31 19.87
CA LEU A 227 13.15 -9.21 19.89
C LEU A 227 13.99 -9.05 18.63
N THR A 228 13.54 -8.37 17.58
CA THR A 228 14.27 -8.25 16.33
C THR A 228 14.31 -6.78 15.87
N SER A 229 15.12 -6.43 14.88
CA SER A 229 15.02 -5.13 14.22
C SER A 229 13.68 -4.98 13.51
N ASN A 230 13.27 -3.76 13.17
CA ASN A 230 12.12 -3.58 12.29
C ASN A 230 12.65 -3.62 10.86
N PRO A 231 12.38 -4.64 10.03
CA PRO A 231 12.91 -4.75 8.68
C PRO A 231 12.11 -3.99 7.62
N ASN A 232 11.15 -3.15 7.99
CA ASN A 232 10.28 -2.58 6.98
C ASN A 232 10.82 -1.25 6.44
N VAL A 233 11.14 -1.20 5.15
CA VAL A 233 11.64 0.02 4.56
C VAL A 233 10.58 0.68 3.70
N GLY A 234 9.36 0.17 3.65
CA GLY A 234 8.32 0.72 2.79
C GLY A 234 7.27 1.51 3.54
N GLY A 235 6.11 1.74 2.95
CA GLY A 235 5.07 2.50 3.62
C GLY A 235 3.91 2.91 2.71
N PHE A 236 2.80 3.30 3.30
CA PHE A 236 1.61 3.68 2.58
C PHE A 236 1.35 5.12 2.95
N GLY A 237 0.80 5.88 2.02
CA GLY A 237 0.44 7.25 2.28
C GLY A 237 -0.81 7.51 1.51
N GLN A 238 -1.50 8.59 1.81
CA GLN A 238 -2.66 8.98 1.03
C GLN A 238 -2.66 10.47 0.81
N GLY A 239 -3.35 10.92 -0.22
CA GLY A 239 -3.46 12.34 -0.51
C GLY A 239 -4.77 12.60 -1.22
N ASP A 240 -5.05 13.86 -1.48
CA ASP A 240 -6.28 14.26 -2.15
C ASP A 240 -6.09 15.52 -2.97
N ALA A 241 -6.97 15.61 -3.94
CA ALA A 241 -6.99 16.70 -4.89
C ALA A 241 -8.44 17.09 -5.07
N GLU A 242 -8.67 18.20 -5.75
CA GLU A 242 -10.01 18.71 -6.01
C GLU A 242 -9.91 19.05 -7.49
N ILE A 243 -10.94 18.73 -8.28
CA ILE A 243 -10.91 19.04 -9.69
C ILE A 243 -12.17 19.83 -10.02
N VAL A 244 -12.12 20.80 -10.90
CA VAL A 244 -13.34 21.51 -11.26
C VAL A 244 -13.83 20.98 -12.62
N LEU A 245 -15.02 20.37 -12.67
CA LEU A 245 -15.62 19.97 -13.94
C LEU A 245 -16.18 21.30 -14.45
N GLN A 246 -15.69 21.75 -15.58
CA GLN A 246 -15.98 23.09 -16.02
C GLN A 246 -17.00 23.19 -17.14
N ASP A 247 -17.90 24.17 -17.03
CA ASP A 247 -18.87 24.47 -18.07
C ASP A 247 -18.05 25.02 -19.23
N PRO A 248 -18.24 24.56 -20.46
CA PRO A 248 -17.52 25.09 -21.61
C PRO A 248 -17.90 26.53 -22.00
N LEU A 249 -18.85 27.16 -21.30
CA LEU A 249 -19.20 28.55 -21.53
C LEU A 249 -18.64 29.26 -20.29
N ARG A 250 -19.38 30.10 -19.57
CA ARG A 250 -19.04 30.79 -18.33
C ARG A 250 -20.30 31.60 -17.94
FE HEC B . -0.75 -4.92 0.07
CHA HEC B . 2.14 -6.53 -0.69
CHB HEC B . -0.11 -2.61 -2.26
CHC HEC B . -3.84 -3.58 0.55
CHD HEC B . -1.18 -6.89 2.76
NA HEC B . 0.66 -4.67 -1.24
C1A HEC B . 1.78 -5.45 -1.48
C2A HEC B . 2.55 -4.95 -2.60
C3A HEC B . 1.93 -3.84 -3.00
C4A HEC B . 0.78 -3.65 -2.16
CMA HEC B . 2.38 -2.96 -4.13
CAA HEC B . 3.81 -5.56 -3.18
CBA HEC B . 5.05 -5.15 -2.39
CGA HEC B . 6.40 -5.59 -2.92
O1A HEC B . 7.37 -4.87 -2.73
O2A HEC B . 6.51 -6.64 -3.55
NB HEC B . -1.74 -3.40 -0.67
C1B HEC B . -1.30 -2.47 -1.57
C2B HEC B . -2.30 -1.42 -1.80
C3B HEC B . -3.36 -1.75 -1.06
C4B HEC B . -3.02 -2.97 -0.37
CMB HEC B . -2.11 -0.14 -2.63
CAB HEC B . -4.50 -1.06 -0.88
CBB HEC B . -5.55 -1.06 -1.99
NC HEC B . -2.21 -5.19 1.35
C1C HEC B . -3.46 -4.62 1.38
C2C HEC B . -4.32 -5.14 2.44
C3C HEC B . -3.55 -6.02 3.14
C4C HEC B . -2.23 -6.04 2.43
CMC HEC B . -5.78 -4.74 2.70
CAC HEC B . -3.90 -6.79 4.26
CBC HEC B . -5.08 -7.74 4.18
ND HEC B . 0.27 -6.39 0.87
C1D HEC B . -0.01 -7.05 2.04
C2D HEC B . 0.99 -8.06 2.34
C3D HEC B . 1.85 -8.03 1.31
C4D HEC B . 1.42 -6.98 0.42
CMD HEC B . 1.10 -8.96 3.58
CAD HEC B . 3.07 -8.90 1.17
CBD HEC B . 2.84 -10.14 0.37
CGD HEC B . 4.14 -10.90 0.31
O1D HEC B . 4.29 -11.94 0.93
O2D HEC B . 5.08 -10.41 -0.28
#